data_7HTM
#
_entry.id   7HTM
#
_cell.length_a   98.885
_cell.length_b   98.973
_cell.length_c   128.403
_cell.angle_alpha   90.00
_cell.angle_beta   90.00
_cell.angle_gamma   90.00
#
_symmetry.space_group_name_H-M   'I 2 2 2'
#
loop_
_entity.id
_entity.type
_entity.pdbx_description
1 polymer 'Oleoyl-acyl carrier protein thioesterase 1, chloroplastic'
2 non-polymer N-cyclopentylmethanesulfonamide
3 non-polymer 'SULFATE ION'
4 water water
#
_entity_poly.entity_id   1
_entity_poly.type   'polypeptide(L)'
_entity_poly.pdbx_seq_one_letter_code
;MGSLTEDGLSYKEKFVVRSYEVGSNKTATVETIANLLQEVGCNHAQSVGFSTDGFATTTTMRKLHLIWVTARMHIEIYKY
PAWGDVVEIETWCQSEGRIGTRRDWILKDSVTGEVTGRATSKWVMMNQDTRRLQKVSDDVRDEYLVFCPQEPRLAFPEEN
NRSLKKIPKLEDPAQYSMIGLKPRRADLDMNQHVNNVTYIGWVLESIPQEIVDTHELQVITLDYRRECQQDDVVDSLTTT
TSEIGGTNGSATSGTQGHNDSQFLHLLRLSGDGQEINRGTTLWRKKPSSHHHHHH
;
_entity_poly.pdbx_strand_id   A,B
#
loop_
_chem_comp.id
_chem_comp.type
_chem_comp.name
_chem_comp.formula
8BT non-polymer N-cyclopentylmethanesulfonamide 'C6 H13 N O2 S'
SO4 non-polymer 'SULFATE ION' 'O4 S -2'
#
# COMPACT_ATOMS: atom_id res chain seq x y z
N GLY A 2 5.63 -18.87 -1.57
CA GLY A 2 5.04 -19.80 -2.52
C GLY A 2 6.08 -20.72 -3.13
N SER A 3 5.73 -21.31 -4.28
CA SER A 3 6.65 -22.23 -4.95
C SER A 3 6.20 -22.55 -6.37
N LEU A 4 7.16 -22.97 -7.22
CA LEU A 4 6.86 -23.43 -8.57
C LEU A 4 6.08 -24.74 -8.46
N THR A 5 5.20 -24.99 -9.44
CA THR A 5 4.45 -26.23 -9.47
C THR A 5 5.38 -27.42 -9.81
N GLU A 6 4.87 -28.66 -9.81
CA GLU A 6 5.67 -29.84 -10.09
C GLU A 6 6.42 -29.78 -11.42
N ASP A 7 5.79 -29.24 -12.47
CA ASP A 7 6.47 -29.14 -13.77
C ASP A 7 7.42 -27.94 -13.90
N GLY A 8 7.39 -27.01 -12.93
CA GLY A 8 8.23 -25.83 -12.94
C GLY A 8 7.85 -24.82 -14.02
N LEU A 9 6.64 -24.96 -14.59
CA LEU A 9 6.15 -24.06 -15.62
C LEU A 9 5.14 -23.02 -15.12
N SER A 10 4.88 -22.96 -13.80
CA SER A 10 3.99 -21.97 -13.18
C SER A 10 4.33 -21.82 -11.67
N TYR A 11 3.81 -20.75 -11.02
CA TYR A 11 4.13 -20.48 -9.61
C TYR A 11 2.85 -20.21 -8.81
N LYS A 12 2.78 -20.73 -7.57
CA LYS A 12 1.60 -20.51 -6.73
C LYS A 12 1.99 -19.86 -5.41
N GLU A 13 1.15 -18.96 -4.88
CA GLU A 13 1.39 -18.32 -3.60
C GLU A 13 0.08 -18.02 -2.88
N LYS A 14 0.07 -18.17 -1.54
CA LYS A 14 -1.09 -17.90 -0.72
C LYS A 14 -0.89 -16.61 0.06
N PHE A 15 -1.95 -15.79 0.15
CA PHE A 15 -1.91 -14.49 0.84
C PHE A 15 -3.08 -14.39 1.79
N VAL A 16 -2.85 -13.83 3.00
CA VAL A 16 -3.95 -13.59 3.93
C VAL A 16 -4.29 -12.11 3.76
N VAL A 17 -5.55 -11.78 3.46
CA VAL A 17 -5.97 -10.39 3.27
C VAL A 17 -5.85 -9.58 4.58
N ARG A 18 -5.14 -8.44 4.54
CA ARG A 18 -4.85 -7.56 5.68
C ARG A 18 -5.91 -6.48 5.92
N SER A 19 -5.97 -5.97 7.15
CA SER A 19 -6.91 -4.93 7.62
C SER A 19 -6.88 -3.67 6.79
N TYR A 20 -5.68 -3.15 6.48
CA TYR A 20 -5.52 -1.94 5.68
C TYR A 20 -5.68 -2.17 4.16
N GLU A 21 -5.88 -3.42 3.74
CA GLU A 21 -6.02 -3.78 2.32
C GLU A 21 -7.46 -3.84 1.85
N VAL A 22 -8.45 -3.58 2.75
CA VAL A 22 -9.87 -3.68 2.42
C VAL A 22 -10.56 -2.32 2.38
N GLY A 23 -11.64 -2.25 1.59
CA GLY A 23 -12.47 -1.05 1.44
C GLY A 23 -13.69 -1.07 2.35
N SER A 24 -14.73 -0.30 1.99
N SER A 24 -14.73 -0.30 2.00
N SER A 24 -14.73 -0.30 1.99
CA SER A 24 -15.97 -0.17 2.76
CA SER A 24 -15.97 -0.16 2.78
CA SER A 24 -15.97 -0.17 2.76
C SER A 24 -16.73 -1.49 2.97
C SER A 24 -16.75 -1.48 2.96
C SER A 24 -16.73 -1.49 2.97
N ASN A 25 -16.70 -2.37 1.98
CA ASN A 25 -17.39 -3.67 2.08
C ASN A 25 -16.61 -4.74 2.92
N LYS A 26 -15.44 -4.37 3.48
CA LYS A 26 -14.54 -5.25 4.22
C LYS A 26 -13.96 -6.37 3.34
N THR A 27 -13.83 -6.11 2.03
CA THR A 27 -13.20 -7.02 1.06
C THR A 27 -12.02 -6.29 0.38
N ALA A 28 -11.04 -7.06 -0.12
CA ALA A 28 -9.85 -6.51 -0.76
C ALA A 28 -10.17 -5.55 -1.90
N THR A 29 -9.44 -4.44 -2.02
CA THR A 29 -9.67 -3.51 -3.12
C THR A 29 -9.06 -4.08 -4.40
N VAL A 30 -9.44 -3.53 -5.57
CA VAL A 30 -8.82 -3.98 -6.82
C VAL A 30 -7.32 -3.61 -6.87
N GLU A 31 -6.90 -2.58 -6.11
CA GLU A 31 -5.51 -2.20 -6.03
C GLU A 31 -4.73 -3.17 -5.16
N THR A 32 -5.38 -3.75 -4.11
CA THR A 32 -4.74 -4.78 -3.30
C THR A 32 -4.52 -6.01 -4.17
N ILE A 33 -5.57 -6.42 -4.93
CA ILE A 33 -5.49 -7.55 -5.85
C ILE A 33 -4.37 -7.34 -6.85
N ALA A 34 -4.31 -6.16 -7.48
CA ALA A 34 -3.26 -5.83 -8.45
C ALA A 34 -1.84 -5.86 -7.85
N ASN A 35 -1.67 -5.48 -6.57
CA ASN A 35 -0.39 -5.53 -5.86
C ASN A 35 0.01 -6.98 -5.63
N LEU A 36 -0.96 -7.85 -5.29
CA LEU A 36 -0.72 -9.28 -5.03
C LEU A 36 -0.31 -10.00 -6.30
N LEU A 37 -0.91 -9.63 -7.46
CA LEU A 37 -0.52 -10.21 -8.75
C LEU A 37 0.93 -9.83 -9.07
N GLN A 38 1.30 -8.59 -8.80
CA GLN A 38 2.61 -8.02 -9.01
C GLN A 38 3.64 -8.76 -8.15
N GLU A 39 3.32 -8.99 -6.86
CA GLU A 39 4.18 -9.72 -5.92
C GLU A 39 4.38 -11.20 -6.33
N VAL A 40 3.31 -11.88 -6.79
CA VAL A 40 3.43 -13.27 -7.18
C VAL A 40 4.26 -13.38 -8.50
N GLY A 41 4.15 -12.40 -9.39
CA GLY A 41 4.93 -12.33 -10.62
C GLY A 41 6.41 -12.15 -10.32
N CYS A 42 6.73 -11.35 -9.30
N CYS A 42 6.73 -11.36 -9.30
N CYS A 42 6.73 -11.35 -9.30
CA CYS A 42 8.11 -11.09 -8.87
CA CYS A 42 8.10 -11.10 -8.90
CA CYS A 42 8.11 -11.09 -8.87
C CYS A 42 8.73 -12.34 -8.27
C CYS A 42 8.73 -12.34 -8.27
C CYS A 42 8.73 -12.34 -8.27
N ASN A 43 7.97 -13.05 -7.42
CA ASN A 43 8.44 -14.28 -6.78
C ASN A 43 8.63 -15.41 -7.79
N HIS A 44 7.82 -15.45 -8.86
CA HIS A 44 7.98 -16.41 -9.94
C HIS A 44 9.33 -16.16 -10.64
N ALA A 45 9.63 -14.90 -11.04
CA ALA A 45 10.91 -14.56 -11.69
C ALA A 45 12.14 -14.85 -10.80
N GLN A 46 12.09 -14.51 -9.50
CA GLN A 46 13.18 -14.81 -8.58
C GLN A 46 13.42 -16.32 -8.43
N SER A 47 12.34 -17.11 -8.36
N SER A 47 12.35 -17.12 -8.36
N SER A 47 12.34 -17.11 -8.36
CA SER A 47 12.42 -18.57 -8.19
CA SER A 47 12.45 -18.57 -8.18
CA SER A 47 12.42 -18.57 -8.19
C SER A 47 13.11 -19.31 -9.33
C SER A 47 13.12 -19.30 -9.33
C SER A 47 13.11 -19.31 -9.33
N VAL A 48 13.23 -18.67 -10.50
CA VAL A 48 13.86 -19.29 -11.66
C VAL A 48 15.12 -18.53 -12.13
N GLY A 49 15.69 -17.70 -11.28
CA GLY A 49 16.94 -16.99 -11.59
C GLY A 49 16.87 -15.69 -12.35
N PHE A 50 15.74 -14.97 -12.31
CA PHE A 50 15.63 -13.67 -12.97
C PHE A 50 15.62 -12.54 -11.96
N ALA A 56 12.21 -8.83 -14.85
CA ALA A 56 12.53 -10.19 -15.28
C ALA A 56 13.50 -10.14 -16.47
N THR A 57 14.58 -9.37 -16.32
CA THR A 57 15.55 -9.21 -17.39
C THR A 57 16.49 -10.39 -17.51
N THR A 58 16.62 -10.93 -18.74
CA THR A 58 17.55 -12.03 -19.02
C THR A 58 19.00 -11.50 -19.03
N THR A 59 19.99 -12.39 -19.24
CA THR A 59 21.39 -11.98 -19.26
C THR A 59 21.67 -11.06 -20.46
N THR A 60 21.01 -11.33 -21.61
CA THR A 60 21.15 -10.54 -22.82
C THR A 60 20.46 -9.18 -22.68
N MET A 61 19.30 -9.15 -22.00
N MET A 61 19.30 -9.15 -22.00
N MET A 61 19.30 -9.15 -22.00
CA MET A 61 18.56 -7.90 -21.81
CA MET A 61 18.55 -7.91 -21.80
CA MET A 61 18.56 -7.90 -21.81
C MET A 61 19.31 -6.93 -20.91
C MET A 61 19.33 -6.93 -20.93
C MET A 61 19.31 -6.93 -20.91
N ARG A 62 20.05 -7.43 -19.92
CA ARG A 62 20.82 -6.56 -19.03
C ARG A 62 22.00 -5.87 -19.75
N LYS A 63 22.62 -6.60 -20.69
CA LYS A 63 23.73 -6.14 -21.50
C LYS A 63 23.27 -5.01 -22.46
N LEU A 64 22.11 -5.18 -23.09
CA LEU A 64 21.58 -4.21 -24.04
C LEU A 64 20.67 -3.13 -23.45
N HIS A 65 20.62 -3.01 -22.09
CA HIS A 65 19.78 -2.03 -21.38
C HIS A 65 18.29 -2.13 -21.77
N LEU A 66 17.78 -3.37 -21.86
CA LEU A 66 16.39 -3.68 -22.22
C LEU A 66 15.58 -4.14 -21.03
N ILE A 67 14.30 -3.72 -20.96
CA ILE A 67 13.36 -4.08 -19.90
C ILE A 67 11.99 -4.48 -20.46
N TRP A 68 11.23 -5.26 -19.68
CA TRP A 68 9.86 -5.62 -20.01
C TRP A 68 8.99 -4.53 -19.41
N VAL A 69 8.12 -3.94 -20.20
CA VAL A 69 7.21 -2.91 -19.70
C VAL A 69 5.75 -3.33 -20.01
N THR A 70 4.79 -2.98 -19.14
CA THR A 70 3.39 -3.34 -19.35
C THR A 70 2.77 -2.46 -20.43
N ALA A 71 2.11 -3.08 -21.38
CA ALA A 71 1.38 -2.37 -22.44
C ALA A 71 -0.13 -2.44 -22.14
N ARG A 72 -0.61 -3.59 -21.63
CA ARG A 72 -2.03 -3.75 -21.30
C ARG A 72 -2.21 -4.66 -20.08
N MET A 73 -3.21 -4.34 -19.23
CA MET A 73 -3.59 -5.07 -18.02
C MET A 73 -5.11 -5.34 -18.11
N HIS A 74 -5.54 -6.57 -17.81
CA HIS A 74 -6.95 -6.91 -17.85
C HIS A 74 -7.30 -7.75 -16.63
N ILE A 75 -8.19 -7.27 -15.77
CA ILE A 75 -8.55 -8.00 -14.56
C ILE A 75 -10.05 -8.23 -14.47
N GLU A 76 -10.46 -9.47 -14.15
CA GLU A 76 -11.86 -9.76 -13.95
C GLU A 76 -12.02 -10.42 -12.59
N ILE A 77 -12.81 -9.82 -11.70
CA ILE A 77 -13.04 -10.33 -10.36
C ILE A 77 -14.51 -10.77 -10.15
N TYR A 78 -14.72 -12.04 -9.76
CA TYR A 78 -16.06 -12.56 -9.47
C TYR A 78 -16.40 -12.37 -7.98
N LYS A 79 -15.40 -12.53 -7.11
CA LYS A 79 -15.61 -12.38 -5.68
C LYS A 79 -14.34 -11.79 -5.04
N TYR A 80 -14.49 -10.68 -4.30
CA TYR A 80 -13.34 -10.05 -3.66
C TYR A 80 -13.11 -10.75 -2.32
N PRO A 81 -11.89 -11.24 -2.04
CA PRO A 81 -11.66 -11.93 -0.76
C PRO A 81 -11.90 -11.04 0.46
N ALA A 82 -12.53 -11.59 1.48
CA ALA A 82 -12.79 -10.84 2.72
C ALA A 82 -11.52 -10.69 3.57
N TRP A 83 -11.54 -9.71 4.48
CA TRP A 83 -10.48 -9.43 5.43
C TRP A 83 -10.25 -10.69 6.30
N GLY A 84 -9.04 -11.20 6.31
CA GLY A 84 -8.70 -12.42 7.04
C GLY A 84 -8.78 -13.70 6.22
N ASP A 85 -9.27 -13.62 4.96
CA ASP A 85 -9.38 -14.77 4.06
C ASP A 85 -8.05 -15.08 3.38
N VAL A 86 -7.84 -16.33 2.99
CA VAL A 86 -6.64 -16.74 2.29
C VAL A 86 -6.94 -16.88 0.79
N VAL A 87 -6.19 -16.19 -0.04
CA VAL A 87 -6.35 -16.27 -1.49
C VAL A 87 -5.15 -16.99 -2.09
N GLU A 88 -5.38 -17.92 -3.02
CA GLU A 88 -4.27 -18.58 -3.70
C GLU A 88 -4.18 -18.06 -5.12
N ILE A 89 -3.00 -17.59 -5.54
CA ILE A 89 -2.82 -17.06 -6.89
C ILE A 89 -1.83 -17.94 -7.68
N GLU A 90 -2.26 -18.43 -8.85
CA GLU A 90 -1.36 -19.17 -9.73
C GLU A 90 -0.97 -18.29 -10.94
N THR A 91 0.32 -18.17 -11.24
CA THR A 91 0.79 -17.34 -12.34
C THR A 91 1.73 -18.09 -13.28
N TRP A 92 1.72 -17.69 -14.54
CA TRP A 92 2.60 -18.27 -15.54
C TRP A 92 2.82 -17.25 -16.68
N CYS A 93 3.84 -17.46 -17.50
N CYS A 93 3.85 -17.46 -17.49
N CYS A 93 3.84 -17.46 -17.50
CA CYS A 93 4.12 -16.57 -18.62
CA CYS A 93 4.14 -16.59 -18.62
CA CYS A 93 4.12 -16.57 -18.62
C CYS A 93 4.16 -17.34 -19.94
C CYS A 93 4.07 -17.38 -19.94
C CYS A 93 4.16 -17.34 -19.94
N GLN A 94 3.79 -16.67 -21.04
CA GLN A 94 3.78 -17.28 -22.34
C GLN A 94 4.36 -16.31 -23.35
N SER A 95 5.14 -16.86 -24.27
CA SER A 95 5.77 -16.12 -25.33
C SER A 95 4.69 -15.77 -26.36
N GLU A 96 4.68 -14.54 -26.84
CA GLU A 96 3.74 -14.13 -27.88
C GLU A 96 4.53 -13.83 -29.16
N GLY A 97 5.46 -14.72 -29.50
CA GLY A 97 6.33 -14.58 -30.66
C GLY A 97 7.25 -13.39 -30.52
N ARG A 98 7.39 -12.61 -31.61
CA ARG A 98 8.23 -11.42 -31.56
C ARG A 98 7.49 -10.19 -31.01
N ILE A 99 6.17 -10.28 -30.75
CA ILE A 99 5.41 -9.13 -30.23
C ILE A 99 5.80 -8.80 -28.78
N GLY A 100 6.06 -9.83 -28.00
CA GLY A 100 6.40 -9.64 -26.60
C GLY A 100 6.03 -10.86 -25.79
N THR A 101 5.65 -10.62 -24.54
CA THR A 101 5.30 -11.69 -23.63
C THR A 101 3.92 -11.42 -22.98
N ARG A 102 3.38 -12.43 -22.31
CA ARG A 102 2.10 -12.33 -21.63
C ARG A 102 2.25 -13.00 -20.27
N ARG A 103 1.68 -12.42 -19.22
CA ARG A 103 1.68 -13.05 -17.91
C ARG A 103 0.21 -13.21 -17.54
N ASP A 104 -0.21 -14.43 -17.15
CA ASP A 104 -1.58 -14.68 -16.75
C ASP A 104 -1.65 -15.10 -15.27
N TRP A 105 -2.78 -14.83 -14.64
CA TRP A 105 -2.99 -15.18 -13.25
C TRP A 105 -4.37 -15.80 -13.09
N ILE A 106 -4.50 -16.67 -12.06
CA ILE A 106 -5.75 -17.29 -11.67
C ILE A 106 -5.85 -17.08 -10.15
N LEU A 107 -6.97 -16.54 -9.67
CA LEU A 107 -7.19 -16.33 -8.25
C LEU A 107 -8.19 -17.37 -7.77
N LYS A 108 -7.90 -18.03 -6.65
CA LYS A 108 -8.80 -19.04 -6.09
C LYS A 108 -8.99 -18.86 -4.59
N ASP A 109 -10.15 -19.29 -4.07
CA ASP A 109 -10.38 -19.25 -2.62
C ASP A 109 -9.67 -20.49 -2.05
N SER A 110 -8.85 -20.32 -1.00
CA SER A 110 -8.10 -21.43 -0.42
C SER A 110 -9.01 -22.47 0.25
N VAL A 111 -10.17 -22.05 0.76
CA VAL A 111 -11.07 -22.95 1.45
C VAL A 111 -11.97 -23.73 0.49
N THR A 112 -12.62 -23.04 -0.45
CA THR A 112 -13.54 -23.67 -1.40
C THR A 112 -12.85 -24.23 -2.66
N GLY A 113 -11.73 -23.62 -3.07
CA GLY A 113 -11.00 -24.03 -4.27
C GLY A 113 -11.55 -23.45 -5.56
N GLU A 114 -12.57 -22.58 -5.47
CA GLU A 114 -13.20 -21.99 -6.63
C GLU A 114 -12.45 -20.77 -7.13
N VAL A 115 -12.46 -20.57 -8.45
CA VAL A 115 -11.84 -19.44 -9.11
C VAL A 115 -12.64 -18.18 -8.76
N THR A 116 -12.03 -17.23 -8.04
CA THR A 116 -12.71 -15.98 -7.68
C THR A 116 -12.29 -14.77 -8.53
N GLY A 117 -11.32 -14.95 -9.41
CA GLY A 117 -10.83 -13.90 -10.29
C GLY A 117 -9.80 -14.40 -11.26
N ARG A 118 -9.50 -13.61 -12.29
CA ARG A 118 -8.46 -13.96 -13.25
C ARG A 118 -7.92 -12.72 -13.94
N ALA A 119 -6.67 -12.78 -14.38
CA ALA A 119 -6.02 -11.63 -14.98
C ALA A 119 -5.07 -12.00 -16.09
N THR A 120 -4.87 -11.08 -17.03
CA THR A 120 -3.94 -11.25 -18.12
C THR A 120 -3.25 -9.92 -18.38
N SER A 121 -1.99 -9.95 -18.85
CA SER A 121 -1.25 -8.73 -19.11
C SER A 121 -0.31 -8.90 -20.29
N LYS A 122 -0.14 -7.87 -21.14
CA LYS A 122 0.75 -7.89 -22.30
C LYS A 122 2.03 -7.06 -22.00
N TRP A 123 3.21 -7.67 -22.14
CA TRP A 123 4.48 -6.98 -21.89
C TRP A 123 5.26 -6.85 -23.19
N VAL A 124 5.95 -5.71 -23.37
CA VAL A 124 6.74 -5.42 -24.58
C VAL A 124 8.18 -5.02 -24.20
N MET A 125 9.16 -5.36 -25.05
CA MET A 125 10.56 -5.01 -24.78
C MET A 125 10.85 -3.57 -25.11
N MET A 126 11.55 -2.89 -24.21
CA MET A 126 11.83 -1.48 -24.38
C MET A 126 13.25 -1.14 -23.91
N ASN A 127 13.93 -0.21 -24.60
CA ASN A 127 15.23 0.25 -24.12
C ASN A 127 14.92 1.16 -22.93
N GLN A 128 15.54 0.88 -21.80
CA GLN A 128 15.42 1.58 -20.54
C GLN A 128 15.66 3.10 -20.68
N ASP A 129 16.67 3.49 -21.47
CA ASP A 129 17.11 4.88 -21.65
C ASP A 129 16.38 5.67 -22.73
N THR A 130 16.30 5.14 -23.98
CA THR A 130 15.63 5.85 -25.07
C THR A 130 14.12 5.71 -25.06
N ARG A 131 13.59 4.72 -24.32
CA ARG A 131 12.17 4.39 -24.25
C ARG A 131 11.64 3.83 -25.57
N ARG A 132 12.51 3.23 -26.39
CA ARG A 132 12.11 2.69 -27.69
C ARG A 132 11.80 1.22 -27.67
N LEU A 133 10.59 0.88 -28.11
CA LEU A 133 10.08 -0.48 -28.20
C LEU A 133 10.87 -1.30 -29.24
N GLN A 134 10.88 -2.62 -29.07
CA GLN A 134 11.54 -3.52 -30.01
C GLN A 134 11.01 -4.94 -29.92
N LYS A 135 11.11 -5.68 -31.04
CA LYS A 135 10.66 -7.05 -31.09
C LYS A 135 11.60 -7.97 -30.31
N VAL A 136 11.07 -9.08 -29.83
CA VAL A 136 11.86 -10.04 -29.07
C VAL A 136 12.78 -10.83 -30.01
N SER A 137 14.09 -10.73 -29.78
CA SER A 137 15.06 -11.47 -30.59
C SER A 137 15.10 -12.95 -30.19
N ASP A 138 15.67 -13.80 -31.06
CA ASP A 138 15.80 -15.22 -30.79
C ASP A 138 16.69 -15.49 -29.58
N ASP A 139 17.79 -14.74 -29.42
CA ASP A 139 18.71 -14.90 -28.28
C ASP A 139 17.98 -14.68 -26.96
N VAL A 140 17.08 -13.69 -26.90
CA VAL A 140 16.30 -13.38 -25.70
C VAL A 140 15.23 -14.47 -25.50
N ARG A 141 14.51 -14.81 -26.58
CA ARG A 141 13.44 -15.81 -26.56
C ARG A 141 13.85 -17.17 -26.02
N ASP A 142 15.02 -17.67 -26.43
CA ASP A 142 15.54 -18.96 -25.98
C ASP A 142 15.86 -18.98 -24.48
N GLU A 143 16.20 -17.82 -23.91
CA GLU A 143 16.52 -17.71 -22.49
C GLU A 143 15.32 -17.82 -21.59
N TYR A 144 14.09 -17.51 -22.07
CA TYR A 144 12.93 -17.56 -21.18
C TYR A 144 11.90 -18.65 -21.58
N LEU A 145 11.96 -19.18 -22.80
CA LEU A 145 11.03 -20.20 -23.30
C LEU A 145 11.02 -21.48 -22.47
N VAL A 146 12.19 -21.89 -21.96
CA VAL A 146 12.32 -23.08 -21.12
C VAL A 146 11.55 -22.98 -19.78
N PHE A 147 11.05 -21.78 -19.43
CA PHE A 147 10.28 -21.49 -18.21
C PHE A 147 8.77 -21.25 -18.49
N CYS A 148 8.34 -21.45 -19.74
CA CYS A 148 6.97 -21.22 -20.18
C CYS A 148 6.35 -22.51 -20.67
N PRO A 149 5.00 -22.67 -20.51
CA PRO A 149 4.34 -23.82 -21.16
C PRO A 149 4.46 -23.67 -22.69
N GLN A 150 4.64 -24.79 -23.40
CA GLN A 150 4.80 -24.74 -24.86
C GLN A 150 3.44 -24.75 -25.57
N GLU A 151 2.49 -25.51 -25.04
CA GLU A 151 1.12 -25.50 -25.54
C GLU A 151 0.43 -24.26 -24.93
N PRO A 152 -0.51 -23.63 -25.64
CA PRO A 152 -1.17 -22.43 -25.09
C PRO A 152 -1.93 -22.71 -23.80
N ARG A 153 -1.83 -21.78 -22.84
CA ARG A 153 -2.50 -21.88 -21.55
C ARG A 153 -2.98 -20.48 -21.25
N LEU A 154 -4.25 -20.21 -21.54
CA LEU A 154 -4.81 -18.87 -21.39
C LEU A 154 -5.73 -18.73 -20.22
N ALA A 155 -5.58 -17.68 -19.41
CA ALA A 155 -6.52 -17.40 -18.34
C ALA A 155 -7.86 -16.92 -18.96
N PHE A 156 -7.83 -16.25 -20.12
CA PHE A 156 -9.01 -15.80 -20.84
C PHE A 156 -9.04 -16.49 -22.21
N PRO A 157 -9.50 -17.74 -22.27
CA PRO A 157 -9.51 -18.46 -23.55
C PRO A 157 -10.57 -18.00 -24.56
N GLU A 158 -11.78 -17.59 -24.12
CA GLU A 158 -12.91 -17.16 -24.97
C GLU A 158 -12.54 -16.47 -26.31
N GLU A 159 -13.26 -16.84 -27.38
CA GLU A 159 -13.06 -16.32 -28.74
C GLU A 159 -13.44 -14.84 -28.89
N ASN A 160 -14.38 -14.35 -28.06
CA ASN A 160 -14.79 -12.95 -28.13
C ASN A 160 -14.66 -12.34 -26.74
N ASN A 161 -13.51 -12.56 -26.09
CA ASN A 161 -13.29 -12.06 -24.73
C ASN A 161 -12.96 -10.56 -24.70
N ARG A 162 -13.17 -9.92 -23.55
CA ARG A 162 -12.95 -8.49 -23.39
C ARG A 162 -11.49 -8.05 -23.21
N SER A 163 -10.53 -9.01 -23.10
CA SER A 163 -9.10 -8.66 -22.93
C SER A 163 -8.39 -8.24 -24.22
N LEU A 164 -9.02 -8.45 -25.39
CA LEU A 164 -8.43 -8.12 -26.69
C LEU A 164 -9.25 -7.07 -27.47
N LYS A 165 -10.15 -6.34 -26.80
CA LYS A 165 -10.99 -5.33 -27.44
C LYS A 165 -10.25 -4.00 -27.53
N LYS A 166 -10.43 -3.26 -28.64
CA LYS A 166 -9.79 -1.96 -28.84
C LYS A 166 -10.44 -0.89 -27.94
N ILE A 167 -9.63 -0.01 -27.34
CA ILE A 167 -10.18 1.04 -26.45
C ILE A 167 -10.13 2.41 -27.14
N PRO A 168 -11.29 3.06 -27.29
CA PRO A 168 -11.29 4.39 -27.92
C PRO A 168 -10.81 5.52 -27.00
N LYS A 169 -10.49 6.67 -27.61
CA LYS A 169 -10.05 7.83 -26.84
C LYS A 169 -11.26 8.65 -26.44
N LEU A 170 -11.39 8.95 -25.14
CA LEU A 170 -12.47 9.71 -24.54
C LEU A 170 -12.50 11.10 -25.16
N GLU A 171 -13.69 11.55 -25.57
CA GLU A 171 -13.88 12.88 -26.16
C GLU A 171 -14.21 13.94 -25.10
N ASP A 172 -13.60 15.12 -25.21
CA ASP A 172 -13.88 16.25 -24.31
C ASP A 172 -15.20 16.90 -24.75
N PRO A 173 -16.09 17.30 -23.81
CA PRO A 173 -15.94 17.22 -22.36
C PRO A 173 -16.21 15.83 -21.72
N ALA A 174 -15.46 15.52 -20.66
CA ALA A 174 -15.65 14.30 -19.90
C ALA A 174 -16.87 14.48 -18.99
N GLN A 175 -17.61 13.39 -18.72
CA GLN A 175 -18.76 13.48 -17.82
C GLN A 175 -18.30 13.73 -16.39
N TYR A 176 -17.23 13.03 -15.97
CA TYR A 176 -16.64 13.14 -14.63
C TYR A 176 -15.13 13.40 -14.71
N SER A 177 -14.55 13.97 -13.66
CA SER A 177 -13.12 14.23 -13.64
C SER A 177 -12.54 14.48 -12.24
N MET A 178 -11.30 14.06 -12.06
CA MET A 178 -10.55 14.29 -10.84
C MET A 178 -9.26 14.92 -11.32
N ILE A 179 -9.01 16.16 -10.94
CA ILE A 179 -7.92 17.03 -11.38
C ILE A 179 -6.78 17.16 -10.33
N GLY A 180 -5.55 17.36 -10.80
CA GLY A 180 -4.42 17.62 -9.93
C GLY A 180 -3.81 16.46 -9.19
N LEU A 181 -3.98 15.22 -9.69
CA LEU A 181 -3.42 14.03 -9.05
C LEU A 181 -1.89 13.95 -9.15
N LYS A 182 -1.20 13.80 -8.00
CA LYS A 182 0.27 13.75 -7.94
C LYS A 182 0.74 12.51 -7.21
N PRO A 183 1.79 11.83 -7.69
CA PRO A 183 2.30 10.69 -6.93
C PRO A 183 3.14 11.11 -5.72
N ARG A 184 3.04 10.35 -4.63
CA ARG A 184 3.90 10.58 -3.47
C ARG A 184 4.99 9.47 -3.45
N ARG A 185 5.91 9.48 -2.45
CA ARG A 185 6.96 8.45 -2.41
C ARG A 185 6.41 7.03 -2.28
N ALA A 186 5.28 6.83 -1.57
CA ALA A 186 4.67 5.50 -1.47
C ALA A 186 4.16 4.98 -2.83
N ASP A 187 3.93 5.86 -3.81
CA ASP A 187 3.50 5.45 -5.15
C ASP A 187 4.65 4.99 -6.03
N LEU A 188 5.90 5.13 -5.59
CA LEU A 188 7.07 4.75 -6.38
C LEU A 188 7.55 3.34 -6.03
N ASP A 189 8.11 2.63 -7.00
CA ASP A 189 8.70 1.31 -6.78
C ASP A 189 10.17 1.46 -6.34
N MET A 190 10.92 0.34 -6.19
CA MET A 190 12.33 0.35 -5.79
C MET A 190 13.25 1.09 -6.79
N ASN A 191 12.80 1.26 -8.03
CA ASN A 191 13.60 1.97 -9.04
C ASN A 191 13.18 3.44 -9.22
N GLN A 192 12.33 3.95 -8.32
CA GLN A 192 11.81 5.33 -8.27
C GLN A 192 10.85 5.67 -9.42
N HIS A 193 10.27 4.65 -10.05
CA HIS A 193 9.26 4.81 -11.11
C HIS A 193 7.88 4.67 -10.48
N VAL A 194 6.86 5.34 -11.04
CA VAL A 194 5.49 5.20 -10.50
C VAL A 194 5.00 3.75 -10.69
N ASN A 195 4.55 3.12 -9.60
CA ASN A 195 4.04 1.76 -9.58
C ASN A 195 2.78 1.67 -10.48
N ASN A 196 2.70 0.65 -11.36
CA ASN A 196 1.57 0.51 -12.29
C ASN A 196 0.20 0.47 -11.63
N VAL A 197 0.12 0.06 -10.34
CA VAL A 197 -1.12 -0.03 -9.56
C VAL A 197 -1.69 1.37 -9.23
N THR A 198 -0.81 2.39 -9.15
CA THR A 198 -1.19 3.79 -8.90
C THR A 198 -2.09 4.32 -10.04
N TYR A 199 -1.82 3.89 -11.29
CA TYR A 199 -2.64 4.29 -12.43
C TYR A 199 -4.05 3.75 -12.33
N ILE A 200 -4.20 2.53 -11.80
CA ILE A 200 -5.52 1.92 -11.57
C ILE A 200 -6.29 2.79 -10.57
N GLY A 201 -5.62 3.20 -9.48
CA GLY A 201 -6.22 4.05 -8.47
C GLY A 201 -6.63 5.40 -9.00
N TRP A 202 -5.77 5.99 -9.86
CA TRP A 202 -6.03 7.28 -10.48
C TRP A 202 -7.21 7.20 -11.42
N VAL A 203 -7.30 6.12 -12.24
CA VAL A 203 -8.43 5.89 -13.16
C VAL A 203 -9.74 5.84 -12.34
N LEU A 204 -9.73 5.09 -11.23
CA LEU A 204 -10.91 4.95 -10.39
C LEU A 204 -11.33 6.23 -9.62
N GLU A 205 -10.43 7.23 -9.46
CA GLU A 205 -10.74 8.47 -8.74
C GLU A 205 -11.82 9.35 -9.41
N SER A 206 -11.96 9.24 -10.74
CA SER A 206 -12.99 10.01 -11.44
C SER A 206 -14.35 9.28 -11.50
N ILE A 207 -14.46 8.06 -10.96
CA ILE A 207 -15.73 7.35 -10.86
C ILE A 207 -16.44 7.99 -9.66
N PRO A 208 -17.69 8.45 -9.82
CA PRO A 208 -18.40 9.07 -8.69
C PRO A 208 -18.59 8.12 -7.50
N GLN A 209 -18.55 8.65 -6.26
CA GLN A 209 -18.66 7.87 -5.04
C GLN A 209 -19.96 7.04 -4.96
N GLU A 210 -21.08 7.57 -5.51
CA GLU A 210 -22.35 6.84 -5.53
C GLU A 210 -22.23 5.50 -6.29
N ILE A 211 -21.48 5.48 -7.40
CA ILE A 211 -21.27 4.24 -8.17
C ILE A 211 -20.46 3.26 -7.32
N VAL A 212 -19.40 3.73 -6.70
CA VAL A 212 -18.57 2.90 -5.82
C VAL A 212 -19.39 2.29 -4.66
N ASP A 213 -20.28 3.07 -4.06
CA ASP A 213 -21.14 2.66 -2.94
C ASP A 213 -22.26 1.67 -3.28
N THR A 214 -22.77 1.68 -4.52
CA THR A 214 -23.87 0.79 -4.91
C THR A 214 -23.46 -0.31 -5.91
N HIS A 215 -22.24 -0.23 -6.47
CA HIS A 215 -21.78 -1.22 -7.45
C HIS A 215 -20.46 -1.83 -7.06
N GLU A 216 -20.17 -3.00 -7.63
CA GLU A 216 -18.91 -3.67 -7.44
C GLU A 216 -18.17 -3.77 -8.77
N LEU A 217 -16.87 -3.52 -8.76
CA LEU A 217 -16.07 -3.54 -9.98
C LEU A 217 -15.84 -4.98 -10.45
N GLN A 218 -16.39 -5.32 -11.62
CA GLN A 218 -16.23 -6.65 -12.18
C GLN A 218 -15.05 -6.75 -13.15
N VAL A 219 -14.91 -5.79 -14.09
CA VAL A 219 -13.85 -5.85 -15.09
C VAL A 219 -13.16 -4.48 -15.23
N ILE A 220 -11.83 -4.47 -15.40
CA ILE A 220 -11.03 -3.29 -15.68
C ILE A 220 -10.00 -3.63 -16.75
N THR A 221 -9.93 -2.85 -17.83
CA THR A 221 -8.94 -3.02 -18.88
C THR A 221 -8.16 -1.72 -18.99
N LEU A 222 -6.84 -1.79 -18.91
CA LEU A 222 -6.01 -0.59 -18.97
C LEU A 222 -4.91 -0.71 -19.99
N ASP A 223 -4.80 0.30 -20.87
CA ASP A 223 -3.73 0.44 -21.86
C ASP A 223 -2.73 1.47 -21.30
N TYR A 224 -1.45 1.15 -21.31
CA TYR A 224 -0.40 2.02 -20.81
C TYR A 224 0.34 2.65 -22.01
N ARG A 225 0.16 3.94 -22.22
CA ARG A 225 0.74 4.63 -23.37
C ARG A 225 2.03 5.35 -23.04
N ARG A 226 2.09 5.93 -21.84
CA ARG A 226 3.24 6.71 -21.42
C ARG A 226 3.35 6.63 -19.91
N GLU A 227 4.56 6.73 -19.41
CA GLU A 227 4.85 6.69 -18.00
C GLU A 227 4.67 8.08 -17.35
N CYS A 228 4.20 8.13 -16.11
CA CYS A 228 4.05 9.38 -15.37
C CYS A 228 5.29 9.55 -14.50
N GLN A 229 6.00 10.66 -14.66
CA GLN A 229 7.18 10.94 -13.86
C GLN A 229 6.79 11.36 -12.44
N GLN A 230 7.75 11.34 -11.52
CA GLN A 230 7.57 11.72 -10.12
C GLN A 230 7.10 13.20 -9.98
N ASP A 231 7.54 14.08 -10.89
CA ASP A 231 7.17 15.49 -10.84
C ASP A 231 6.00 15.87 -11.80
N ASP A 232 5.29 14.86 -12.35
CA ASP A 232 4.16 15.10 -13.21
C ASP A 232 2.84 15.17 -12.42
N VAL A 233 1.84 15.84 -13.00
CA VAL A 233 0.50 15.99 -12.44
C VAL A 233 -0.49 15.43 -13.48
N VAL A 234 -1.41 14.58 -13.04
CA VAL A 234 -2.35 13.88 -13.89
C VAL A 234 -3.81 14.35 -13.71
N ASP A 235 -4.60 14.30 -14.80
CA ASP A 235 -6.04 14.53 -14.78
C ASP A 235 -6.73 13.20 -15.11
N SER A 236 -7.72 12.78 -14.31
CA SER A 236 -8.45 11.54 -14.51
C SER A 236 -9.83 11.87 -15.09
N LEU A 237 -10.17 11.33 -16.27
CA LEU A 237 -11.44 11.65 -16.93
C LEU A 237 -12.28 10.38 -17.14
N THR A 238 -13.59 10.43 -16.86
CA THR A 238 -14.47 9.26 -17.03
C THR A 238 -15.78 9.69 -17.70
N THR A 239 -16.37 8.83 -18.56
CA THR A 239 -17.65 9.05 -19.20
C THR A 239 -18.42 7.73 -19.22
N THR A 240 -19.69 7.74 -18.79
CA THR A 240 -20.52 6.54 -18.81
C THR A 240 -20.84 6.18 -20.27
N THR A 241 -20.61 4.94 -20.68
CA THR A 241 -20.94 4.52 -22.04
C THR A 241 -22.12 3.55 -22.10
N SER A 242 -22.64 3.09 -20.95
CA SER A 242 -23.79 2.18 -20.94
C SER A 242 -25.11 3.00 -20.95
N ASN A 259 -28.78 -2.78 -15.15
CA ASN A 259 -28.09 -3.51 -14.08
C ASN A 259 -26.56 -3.27 -14.09
N ASP A 260 -25.93 -3.34 -15.26
CA ASP A 260 -24.48 -3.16 -15.34
C ASP A 260 -24.10 -1.77 -15.82
N SER A 261 -22.99 -1.21 -15.31
CA SER A 261 -22.52 0.10 -15.72
C SER A 261 -21.15 0.02 -16.37
N GLN A 262 -20.96 0.70 -17.51
CA GLN A 262 -19.68 0.72 -18.22
C GLN A 262 -19.19 2.13 -18.31
N PHE A 263 -17.88 2.30 -18.20
CA PHE A 263 -17.27 3.61 -18.30
C PHE A 263 -16.09 3.59 -19.24
N LEU A 264 -15.81 4.72 -19.88
CA LEU A 264 -14.62 4.90 -20.71
C LEU A 264 -13.73 5.85 -19.89
N HIS A 265 -12.44 5.54 -19.78
CA HIS A 265 -11.51 6.32 -18.97
C HIS A 265 -10.35 6.92 -19.75
N LEU A 266 -9.74 7.98 -19.21
CA LEU A 266 -8.55 8.58 -19.79
C LEU A 266 -7.71 9.31 -18.75
N LEU A 267 -6.41 8.97 -18.65
CA LEU A 267 -5.47 9.71 -17.82
C LEU A 267 -4.59 10.53 -18.77
N ARG A 268 -4.39 11.80 -18.48
CA ARG A 268 -3.54 12.66 -19.29
C ARG A 268 -2.80 13.68 -18.42
N LEU A 269 -1.66 14.20 -18.88
CA LEU A 269 -0.91 15.20 -18.13
C LEU A 269 -1.69 16.50 -17.99
N SER A 270 -1.78 17.02 -16.76
CA SER A 270 -2.52 18.22 -16.37
C SER A 270 -2.21 19.42 -17.24
N GLY A 271 -0.98 19.53 -17.69
CA GLY A 271 -0.56 20.65 -18.50
C GLY A 271 -0.93 20.52 -19.96
N ASP A 272 -0.03 19.92 -20.73
CA ASP A 272 -0.17 19.75 -22.18
C ASP A 272 -1.31 18.80 -22.61
N GLY A 273 -1.86 18.02 -21.70
CA GLY A 273 -2.92 17.08 -22.04
C GLY A 273 -2.43 15.83 -22.75
N GLN A 274 -1.14 15.48 -22.57
CA GLN A 274 -0.53 14.29 -23.16
C GLN A 274 -1.08 13.04 -22.53
N GLU A 275 -1.59 12.10 -23.34
CA GLU A 275 -2.14 10.82 -22.87
C GLU A 275 -1.12 9.90 -22.17
N ILE A 276 -1.48 9.40 -20.98
CA ILE A 276 -0.63 8.43 -20.29
C ILE A 276 -1.34 7.05 -20.26
N ASN A 277 -2.67 7.03 -20.10
CA ASN A 277 -3.45 5.78 -20.06
C ASN A 277 -4.84 5.98 -20.65
N ARG A 278 -5.43 4.88 -21.10
CA ARG A 278 -6.83 4.82 -21.48
C ARG A 278 -7.39 3.46 -20.97
N GLY A 279 -8.66 3.42 -20.62
CA GLY A 279 -9.25 2.18 -20.10
C GLY A 279 -10.75 2.09 -20.10
N THR A 280 -11.26 0.94 -19.67
CA THR A 280 -12.71 0.72 -19.52
C THR A 280 -12.94 -0.06 -18.24
N THR A 281 -14.04 0.24 -17.58
CA THR A 281 -14.46 -0.52 -16.40
C THR A 281 -15.91 -0.97 -16.57
N LEU A 282 -16.24 -2.13 -16.00
CA LEU A 282 -17.59 -2.69 -15.98
C LEU A 282 -17.91 -2.97 -14.51
N TRP A 283 -19.06 -2.48 -14.04
CA TRP A 283 -19.48 -2.64 -12.66
C TRP A 283 -20.84 -3.34 -12.61
N ARG A 284 -21.12 -4.09 -11.53
CA ARG A 284 -22.43 -4.73 -11.38
C ARG A 284 -23.12 -4.31 -10.08
N LYS A 285 -24.46 -4.22 -10.09
CA LYS A 285 -25.22 -3.79 -8.93
C LYS A 285 -25.03 -4.77 -7.76
N LYS A 286 -24.72 -4.24 -6.56
CA LYS A 286 -24.53 -5.09 -5.38
C LYS A 286 -25.82 -5.81 -5.00
N GLY B 2 -0.47 -14.95 13.07
CA GLY B 2 0.25 -14.94 14.34
C GLY B 2 -0.54 -15.57 15.46
N SER B 3 -0.17 -15.23 16.70
CA SER B 3 -0.84 -15.80 17.86
C SER B 3 -0.45 -15.10 19.15
N LEU B 4 -1.33 -15.19 20.17
CA LEU B 4 -1.04 -14.67 21.50
C LEU B 4 0.09 -15.49 22.11
N THR B 5 0.91 -14.87 22.95
CA THR B 5 1.97 -15.58 23.64
C THR B 5 1.37 -16.55 24.69
N GLU B 6 2.20 -17.35 25.37
CA GLU B 6 1.75 -18.31 26.36
C GLU B 6 0.90 -17.68 27.46
N ASP B 7 1.26 -16.49 27.94
CA ASP B 7 0.47 -15.85 28.99
C ASP B 7 -0.79 -15.11 28.48
N GLY B 8 -0.95 -14.98 27.16
CA GLY B 8 -2.08 -14.31 26.55
C GLY B 8 -2.10 -12.80 26.79
N LEU B 9 -0.94 -12.24 27.22
CA LEU B 9 -0.84 -10.81 27.48
C LEU B 9 -0.11 -10.03 26.37
N SER B 10 0.24 -10.69 25.24
CA SER B 10 0.88 -10.04 24.08
C SER B 10 0.65 -10.90 22.81
N TYR B 11 0.90 -10.34 21.62
CA TYR B 11 0.64 -11.03 20.35
C TYR B 11 1.86 -10.95 19.42
N LYS B 12 2.19 -12.05 18.72
CA LYS B 12 3.33 -12.05 17.81
C LYS B 12 2.90 -12.41 16.41
N GLU B 13 3.51 -11.81 15.39
CA GLU B 13 3.22 -12.16 14.00
C GLU B 13 4.46 -11.98 13.11
N LYS B 14 4.63 -12.88 12.13
CA LYS B 14 5.75 -12.83 11.19
C LYS B 14 5.27 -12.35 9.84
N PHE B 15 6.07 -11.49 9.18
CA PHE B 15 5.72 -10.92 7.87
C PHE B 15 6.89 -11.06 6.94
N VAL B 16 6.64 -11.43 5.68
CA VAL B 16 7.70 -11.48 4.67
C VAL B 16 7.58 -10.17 3.90
N VAL B 17 8.67 -9.40 3.83
CA VAL B 17 8.66 -8.09 3.13
C VAL B 17 8.44 -8.29 1.61
N ARG B 18 7.42 -7.62 1.05
CA ARG B 18 7.00 -7.70 -0.36
C ARG B 18 7.73 -6.73 -1.29
N SER B 19 7.77 -7.04 -2.59
CA SER B 19 8.40 -6.26 -3.65
C SER B 19 7.95 -4.82 -3.72
N TYR B 20 6.64 -4.59 -3.66
CA TYR B 20 6.06 -3.24 -3.73
C TYR B 20 6.12 -2.48 -2.38
N GLU B 21 6.64 -3.13 -1.33
CA GLU B 21 6.73 -2.52 0.01
C GLU B 21 8.09 -1.87 0.28
N VAL B 22 9.04 -1.94 -0.68
CA VAL B 22 10.40 -1.41 -0.49
C VAL B 22 10.67 -0.17 -1.33
N GLY B 23 11.59 0.65 -0.86
CA GLY B 23 12.03 1.88 -1.51
C GLY B 23 13.25 1.67 -2.38
N SER B 24 13.94 2.77 -2.74
CA SER B 24 15.11 2.75 -3.63
C SER B 24 16.33 1.97 -3.08
N ASN B 25 16.40 1.77 -1.77
CA ASN B 25 17.47 0.99 -1.11
C ASN B 25 17.13 -0.52 -0.92
N LYS B 26 16.01 -0.97 -1.50
CA LYS B 26 15.48 -2.34 -1.47
C LYS B 26 15.16 -2.84 -0.05
N THR B 27 14.82 -1.90 0.86
CA THR B 27 14.39 -2.21 2.23
C THR B 27 13.00 -1.58 2.46
N ALA B 28 12.23 -2.14 3.41
CA ALA B 28 10.88 -1.70 3.71
C ALA B 28 10.82 -0.20 4.04
N THR B 29 9.79 0.51 3.54
CA THR B 29 9.64 1.92 3.86
C THR B 29 9.10 2.06 5.29
N VAL B 30 9.19 3.27 5.88
CA VAL B 30 8.63 3.49 7.20
C VAL B 30 7.09 3.37 7.18
N GLU B 31 6.46 3.60 6.00
CA GLU B 31 5.03 3.45 5.84
C GLU B 31 4.64 1.98 5.78
N THR B 32 5.52 1.11 5.22
CA THR B 32 5.27 -0.33 5.23
C THR B 32 5.34 -0.82 6.67
N ILE B 33 6.38 -0.39 7.42
CA ILE B 33 6.55 -0.74 8.84
C ILE B 33 5.32 -0.31 9.62
N ALA B 34 4.87 0.94 9.45
CA ALA B 34 3.69 1.47 10.13
C ALA B 34 2.39 0.70 9.81
N ASN B 35 2.23 0.20 8.56
CA ASN B 35 1.10 -0.62 8.14
C ASN B 35 1.15 -1.99 8.84
N LEU B 36 2.35 -2.56 8.99
CA LEU B 36 2.55 -3.85 9.64
C LEU B 36 2.23 -3.77 11.13
N LEU B 37 2.58 -2.66 11.79
CA LEU B 37 2.25 -2.44 13.20
C LEU B 37 0.73 -2.37 13.37
N GLN B 38 0.07 -1.69 12.45
CA GLN B 38 -1.37 -1.50 12.42
C GLN B 38 -2.05 -2.87 12.26
N GLU B 39 -1.56 -3.72 11.32
CA GLU B 39 -2.09 -5.06 11.06
C GLU B 39 -1.91 -6.00 12.28
N VAL B 40 -0.74 -6.01 12.90
CA VAL B 40 -0.50 -6.86 14.06
C VAL B 40 -1.39 -6.39 15.25
N GLY B 41 -1.59 -5.08 15.38
CA GLY B 41 -2.48 -4.52 16.39
C GLY B 41 -3.93 -4.97 16.20
N CYS B 42 -4.39 -5.01 14.95
CA CYS B 42 -5.74 -5.46 14.64
C CYS B 42 -5.89 -6.94 14.96
N ASN B 43 -4.90 -7.77 14.58
CA ASN B 43 -4.93 -9.20 14.84
C ASN B 43 -4.91 -9.50 16.34
N HIS B 44 -4.23 -8.68 17.14
CA HIS B 44 -4.21 -8.83 18.59
C HIS B 44 -5.64 -8.59 19.14
N ALA B 45 -6.33 -7.52 18.72
CA ALA B 45 -7.71 -7.24 19.15
C ALA B 45 -8.71 -8.35 18.75
N GLN B 46 -8.62 -8.86 17.52
CA GLN B 46 -9.48 -9.94 17.05
C GLN B 46 -9.24 -11.23 17.85
N SER B 47 -7.97 -11.54 18.18
CA SER B 47 -7.63 -12.78 18.91
C SER B 47 -8.19 -12.84 20.33
N VAL B 48 -8.60 -11.70 20.89
CA VAL B 48 -9.17 -11.66 22.24
C VAL B 48 -10.62 -11.12 22.26
N GLY B 49 -11.29 -11.11 21.11
CA GLY B 49 -12.67 -10.64 21.01
C GLY B 49 -12.90 -9.15 21.06
N PHE B 50 -12.40 -8.41 20.06
CA PHE B 50 -12.63 -6.96 20.00
C PHE B 50 -12.95 -6.53 18.57
N ALA B 56 -10.90 -0.85 18.50
CA ALA B 56 -11.15 -2.10 19.19
C ALA B 56 -12.58 -2.12 19.80
N THR B 57 -12.92 -1.09 20.62
CA THR B 57 -14.23 -0.89 21.26
C THR B 57 -14.74 -2.09 22.05
N THR B 58 -14.86 -1.91 23.36
CA THR B 58 -15.42 -2.89 24.28
C THR B 58 -16.97 -2.92 24.15
N THR B 59 -17.67 -3.75 24.95
CA THR B 59 -19.12 -3.81 24.87
C THR B 59 -19.77 -2.50 25.32
N THR B 60 -19.16 -1.82 26.30
CA THR B 60 -19.64 -0.55 26.81
C THR B 60 -19.35 0.59 25.82
N MET B 61 -18.19 0.55 25.15
CA MET B 61 -17.84 1.60 24.18
C MET B 61 -18.80 1.61 23.00
N ARG B 62 -19.25 0.44 22.54
CA ARG B 62 -20.15 0.33 21.39
C ARG B 62 -21.51 1.01 21.61
N LYS B 63 -22.21 0.68 22.70
CA LYS B 63 -23.51 1.30 22.99
C LYS B 63 -23.41 2.80 23.30
N LEU B 64 -22.24 3.25 23.76
CA LEU B 64 -21.98 4.65 24.10
C LEU B 64 -21.38 5.46 22.93
N HIS B 65 -21.18 4.83 21.73
CA HIS B 65 -20.60 5.45 20.53
C HIS B 65 -19.19 6.03 20.79
N LEU B 66 -18.35 5.26 21.49
CA LEU B 66 -17.01 5.67 21.86
C LEU B 66 -15.95 4.86 21.11
N ILE B 67 -14.85 5.51 20.69
CA ILE B 67 -13.76 4.86 19.97
C ILE B 67 -12.39 5.27 20.51
N TRP B 68 -11.37 4.42 20.26
CA TRP B 68 -9.99 4.74 20.59
C TRP B 68 -9.42 5.46 19.38
N VAL B 69 -8.81 6.62 19.58
CA VAL B 69 -8.19 7.38 18.49
C VAL B 69 -6.71 7.65 18.84
N THR B 70 -5.83 7.66 17.84
CA THR B 70 -4.40 7.91 18.09
C THR B 70 -4.16 9.38 18.36
N ALA B 71 -3.44 9.66 19.43
CA ALA B 71 -3.04 11.02 19.79
C ALA B 71 -1.56 11.23 19.45
N ARG B 72 -0.74 10.17 19.59
CA ARG B 72 0.69 10.27 19.39
C ARG B 72 1.27 8.91 18.91
N MET B 73 2.21 8.95 17.94
CA MET B 73 2.89 7.78 17.36
C MET B 73 4.41 8.04 17.43
N HIS B 74 5.19 7.07 17.89
CA HIS B 74 6.64 7.22 17.97
C HIS B 74 7.31 5.95 17.45
N ILE B 75 8.12 6.06 16.40
CA ILE B 75 8.78 4.89 15.83
C ILE B 75 10.30 5.09 15.74
N GLU B 76 11.07 4.09 16.16
N GLU B 76 11.07 4.09 16.16
N GLU B 76 11.07 4.09 16.16
CA GLU B 76 12.52 4.14 16.06
CA GLU B 76 12.53 4.12 16.07
CA GLU B 76 12.52 4.14 16.06
C GLU B 76 13.01 2.88 15.34
C GLU B 76 13.00 2.87 15.33
C GLU B 76 13.01 2.88 15.34
N ILE B 77 13.63 3.05 14.17
CA ILE B 77 14.12 1.92 13.38
C ILE B 77 15.66 1.87 13.33
N TYR B 78 16.26 0.75 13.73
CA TYR B 78 17.72 0.56 13.68
C TYR B 78 18.12 -0.08 12.34
N LYS B 79 17.30 -1.00 11.83
CA LYS B 79 17.59 -1.66 10.57
C LYS B 79 16.28 -1.93 9.83
N TYR B 80 16.18 -1.48 8.57
CA TYR B 80 14.96 -1.71 7.80
C TYR B 80 15.06 -3.08 7.14
N PRO B 81 14.06 -3.96 7.32
CA PRO B 81 14.14 -5.29 6.72
C PRO B 81 14.23 -5.27 5.19
N ALA B 82 15.08 -6.11 4.62
CA ALA B 82 15.24 -6.19 3.18
C ALA B 82 14.06 -6.93 2.52
N TRP B 83 13.89 -6.73 1.22
CA TRP B 83 12.89 -7.37 0.39
C TRP B 83 13.11 -8.90 0.46
N GLY B 84 12.10 -9.64 0.87
CA GLY B 84 12.19 -11.09 1.03
C GLY B 84 12.55 -11.55 2.43
N ASP B 85 12.87 -10.61 3.35
CA ASP B 85 13.22 -10.93 4.74
C ASP B 85 11.98 -11.13 5.60
N VAL B 86 12.11 -11.92 6.66
CA VAL B 86 11.01 -12.16 7.58
C VAL B 86 11.20 -11.31 8.84
N VAL B 87 10.21 -10.48 9.18
CA VAL B 87 10.26 -9.66 10.37
C VAL B 87 9.24 -10.20 11.39
N GLU B 88 9.63 -10.29 12.67
CA GLU B 88 8.69 -10.71 13.70
C GLU B 88 8.33 -9.49 14.55
N ILE B 89 7.02 -9.22 14.70
CA ILE B 89 6.58 -8.08 15.50
C ILE B 89 5.79 -8.55 16.73
N GLU B 90 6.24 -8.12 17.93
CA GLU B 90 5.51 -8.43 19.15
C GLU B 90 4.77 -7.15 19.64
N THR B 91 3.47 -7.27 19.95
CA THR B 91 2.70 -6.12 20.39
C THR B 91 1.93 -6.40 21.68
N TRP B 92 1.68 -5.35 22.46
CA TRP B 92 0.93 -5.44 23.70
C TRP B 92 0.34 -4.06 24.02
N CYS B 93 -0.64 -4.04 24.92
CA CYS B 93 -1.32 -2.82 25.36
C CYS B 93 -1.11 -2.61 26.84
N GLN B 94 -1.21 -1.37 27.29
CA GLN B 94 -1.14 -1.05 28.70
C GLN B 94 -2.06 0.13 29.01
N SER B 95 -2.71 0.03 30.15
CA SER B 95 -3.61 1.03 30.65
C SER B 95 -2.77 2.21 31.16
N GLU B 96 -3.16 3.44 30.82
CA GLU B 96 -2.47 4.62 31.33
C GLU B 96 -3.43 5.38 32.25
N GLY B 97 -4.10 4.64 33.14
CA GLY B 97 -5.08 5.18 34.07
C GLY B 97 -6.28 5.74 33.35
N ARG B 98 -6.76 6.91 33.77
CA ARG B 98 -7.89 7.57 33.10
C ARG B 98 -7.48 8.45 31.90
N ILE B 99 -6.17 8.54 31.61
CA ILE B 99 -5.72 9.33 30.45
C ILE B 99 -6.05 8.62 29.13
N GLY B 100 -5.91 7.31 29.11
CA GLY B 100 -6.17 6.51 27.93
C GLY B 100 -5.39 5.24 27.95
N THR B 101 -4.98 4.79 26.77
CA THR B 101 -4.26 3.53 26.62
C THR B 101 -2.98 3.75 25.81
N ARG B 102 -2.12 2.74 25.80
CA ARG B 102 -0.88 2.78 25.07
C ARG B 102 -0.71 1.43 24.38
N ARG B 103 -0.22 1.42 23.12
CA ARG B 103 0.10 0.17 22.45
C ARG B 103 1.57 0.25 22.10
N ASP B 104 2.34 -0.80 22.43
CA ASP B 104 3.75 -0.85 22.13
C ASP B 104 4.07 -1.99 21.16
N TRP B 105 5.17 -1.85 20.44
CA TRP B 105 5.61 -2.88 19.51
C TRP B 105 7.11 -3.06 19.60
N ILE B 106 7.58 -4.29 19.28
CA ILE B 106 8.99 -4.62 19.20
C ILE B 106 9.17 -5.34 17.87
N LEU B 107 10.11 -4.88 17.04
N LEU B 107 10.11 -4.87 17.04
N LEU B 107 10.11 -4.88 17.04
CA LEU B 107 10.40 -5.50 15.76
CA LEU B 107 10.39 -5.50 15.76
CA LEU B 107 10.40 -5.50 15.76
C LEU B 107 11.70 -6.27 15.87
C LEU B 107 11.70 -6.27 15.87
C LEU B 107 11.70 -6.27 15.87
N LYS B 108 11.72 -7.53 15.42
CA LYS B 108 12.93 -8.38 15.48
C LYS B 108 13.19 -9.07 14.15
N ASP B 109 14.47 -9.39 13.87
CA ASP B 109 14.81 -10.14 12.67
C ASP B 109 14.53 -11.62 13.01
N SER B 110 13.80 -12.34 12.13
CA SER B 110 13.46 -13.73 12.38
C SER B 110 14.67 -14.66 12.36
N VAL B 111 15.72 -14.31 11.60
CA VAL B 111 16.89 -15.15 11.50
C VAL B 111 17.88 -14.94 12.65
N THR B 112 18.21 -13.68 12.93
CA THR B 112 19.16 -13.35 14.00
C THR B 112 18.55 -13.22 15.39
N GLY B 113 17.27 -12.83 15.47
CA GLY B 113 16.58 -12.64 16.75
C GLY B 113 16.82 -11.29 17.39
N GLU B 114 17.57 -10.40 16.72
CA GLU B 114 17.90 -9.09 17.25
C GLU B 114 16.80 -8.08 16.99
N VAL B 115 16.63 -7.14 17.93
CA VAL B 115 15.67 -6.06 17.83
C VAL B 115 16.11 -5.09 16.74
N THR B 116 15.35 -4.96 15.66
CA THR B 116 15.68 -4.04 14.57
C THR B 116 14.85 -2.74 14.58
N GLY B 117 13.89 -2.64 15.49
CA GLY B 117 13.03 -1.47 15.60
C GLY B 117 12.09 -1.57 16.78
N ARG B 118 11.49 -0.44 17.18
N ARG B 118 11.48 -0.44 17.18
N ARG B 118 11.48 -0.43 17.18
CA ARG B 118 10.53 -0.40 18.29
CA ARG B 118 10.53 -0.40 18.29
CA ARG B 118 10.52 -0.40 18.28
C ARG B 118 9.58 0.78 18.15
C ARG B 118 9.58 0.79 18.16
C ARG B 118 9.57 0.79 18.15
N ALA B 119 8.35 0.63 18.66
CA ALA B 119 7.34 1.69 18.54
C ALA B 119 6.43 1.79 19.74
N THR B 120 5.89 2.99 19.97
CA THR B 120 4.95 3.23 21.04
C THR B 120 3.89 4.22 20.53
N SER B 121 2.66 4.11 21.05
CA SER B 121 1.57 5.00 20.61
C SER B 121 0.61 5.28 21.75
N LYS B 122 0.08 6.53 21.84
CA LYS B 122 -0.88 6.92 22.88
C LYS B 122 -2.30 7.02 22.28
N TRP B 123 -3.27 6.30 22.86
CA TRP B 123 -4.64 6.34 22.38
C TRP B 123 -5.55 6.98 23.43
N VAL B 124 -6.54 7.75 22.98
CA VAL B 124 -7.47 8.44 23.86
C VAL B 124 -8.94 8.13 23.46
N MET B 125 -9.86 8.10 24.45
CA MET B 125 -11.26 7.81 24.15
C MET B 125 -11.96 9.03 23.58
N MET B 126 -12.74 8.83 22.52
CA MET B 126 -13.43 9.92 21.85
C MET B 126 -14.82 9.50 21.43
N ASN B 127 -15.80 10.43 21.50
CA ASN B 127 -17.13 10.13 20.99
C ASN B 127 -17.01 10.21 19.48
N GLN B 128 -17.42 9.14 18.80
CA GLN B 128 -17.39 8.97 17.36
C GLN B 128 -18.10 10.12 16.61
N ASP B 129 -19.22 10.60 17.14
CA ASP B 129 -20.08 11.62 16.51
C ASP B 129 -19.71 13.07 16.85
N THR B 130 -19.59 13.43 18.13
CA THR B 130 -19.24 14.81 18.51
C THR B 130 -17.75 15.11 18.42
N ARG B 131 -16.91 14.06 18.37
CA ARG B 131 -15.45 14.13 18.35
C ARG B 131 -14.88 14.69 19.66
N ARG B 132 -15.60 14.50 20.78
CA ARG B 132 -15.17 14.97 22.10
C ARG B 132 -14.44 13.93 22.91
N LEU B 133 -13.23 14.26 23.36
CA LEU B 133 -12.37 13.41 24.18
C LEU B 133 -13.00 13.17 25.56
N GLN B 134 -12.62 12.06 26.22
CA GLN B 134 -13.09 11.75 27.56
C GLN B 134 -12.17 10.77 28.29
N LYS B 135 -12.18 10.83 29.62
CA LYS B 135 -11.38 9.95 30.46
C LYS B 135 -11.94 8.52 30.42
N VAL B 136 -11.08 7.53 30.65
CA VAL B 136 -11.50 6.13 30.66
C VAL B 136 -12.24 5.83 31.96
N SER B 137 -13.50 5.40 31.85
CA SER B 137 -14.30 5.04 33.02
C SER B 137 -13.88 3.67 33.57
N ASP B 138 -14.26 3.37 34.84
CA ASP B 138 -13.97 2.09 35.46
C ASP B 138 -14.61 0.93 34.72
N ASP B 139 -15.87 1.10 34.25
CA ASP B 139 -16.59 0.06 33.51
C ASP B 139 -15.84 -0.35 32.25
N VAL B 140 -15.25 0.62 31.54
CA VAL B 140 -14.47 0.37 30.34
C VAL B 140 -13.13 -0.28 30.71
N ARG B 141 -12.44 0.29 31.70
CA ARG B 141 -11.14 -0.18 32.18
C ARG B 141 -11.12 -1.66 32.58
N ASP B 142 -12.13 -2.11 33.32
CA ASP B 142 -12.23 -3.51 33.75
C ASP B 142 -12.37 -4.49 32.60
N GLU B 143 -12.97 -4.04 31.49
CA GLU B 143 -13.17 -4.87 30.31
C GLU B 143 -11.90 -5.15 29.52
N TYR B 144 -10.87 -4.29 29.61
CA TYR B 144 -9.66 -4.52 28.83
C TYR B 144 -8.42 -4.83 29.68
N LEU B 145 -8.44 -4.53 30.99
CA LEU B 145 -7.29 -4.76 31.87
C LEU B 145 -6.85 -6.22 31.94
N VAL B 146 -7.80 -7.15 31.90
CA VAL B 146 -7.51 -8.57 31.92
C VAL B 146 -6.69 -9.08 30.71
N PHE B 147 -6.52 -8.23 29.68
CA PHE B 147 -5.76 -8.50 28.46
C PHE B 147 -4.40 -7.73 28.40
N CYS B 148 -4.05 -7.04 29.48
CA CYS B 148 -2.85 -6.22 29.55
C CYS B 148 -1.93 -6.74 30.65
N PRO B 149 -0.59 -6.57 30.50
CA PRO B 149 0.30 -6.87 31.64
C PRO B 149 -0.02 -5.89 32.79
N GLN B 150 0.04 -6.35 34.04
CA GLN B 150 -0.29 -5.48 35.17
C GLN B 150 0.95 -4.70 35.64
N GLU B 151 2.13 -5.34 35.58
CA GLU B 151 3.38 -4.65 35.86
C GLU B 151 3.76 -3.88 34.56
N PRO B 152 4.43 -2.72 34.67
CA PRO B 152 4.77 -1.96 33.46
C PRO B 152 5.70 -2.73 32.52
N ARG B 153 5.45 -2.58 31.21
CA ARG B 153 6.23 -3.23 30.16
C ARG B 153 6.34 -2.20 29.05
N LEU B 154 7.45 -1.46 29.01
CA LEU B 154 7.60 -0.37 28.05
C LEU B 154 8.57 -0.70 26.95
N ALA B 155 8.20 -0.43 25.69
CA ALA B 155 9.14 -0.58 24.58
C ALA B 155 10.22 0.53 24.67
N PHE B 156 9.87 1.72 25.22
CA PHE B 156 10.82 2.81 25.44
C PHE B 156 10.89 3.10 26.94
N PRO B 157 11.67 2.33 27.69
CA PRO B 157 11.73 2.54 29.14
C PRO B 157 12.50 3.79 29.60
N GLU B 158 13.59 4.17 28.92
CA GLU B 158 14.45 5.33 29.25
C GLU B 158 13.72 6.53 29.95
N GLU B 159 14.18 6.95 31.16
CA GLU B 159 13.54 8.06 31.87
C GLU B 159 13.95 9.37 31.20
N ASN B 160 12.97 10.10 30.63
CA ASN B 160 13.15 11.32 29.84
C ASN B 160 13.75 10.97 28.46
N ASN B 161 12.94 10.36 27.59
CA ASN B 161 13.33 9.91 26.25
C ASN B 161 12.51 10.60 25.12
N ARG B 162 12.88 10.33 23.85
CA ARG B 162 12.26 10.93 22.65
C ARG B 162 10.75 10.77 22.48
N SER B 163 10.12 9.74 23.08
CA SER B 163 8.69 9.49 22.89
C SER B 163 7.76 10.35 23.74
N LEU B 164 8.29 11.06 24.74
CA LEU B 164 7.49 11.91 25.64
C LEU B 164 7.90 13.40 25.57
N LYS B 165 8.58 13.82 24.49
CA LYS B 165 9.04 15.19 24.36
C LYS B 165 7.97 16.08 23.72
N LYS B 166 7.84 17.33 24.19
CA LYS B 166 6.87 18.25 23.62
C LYS B 166 7.29 18.72 22.21
N ILE B 167 6.35 18.80 21.27
CA ILE B 167 6.68 19.23 19.90
C ILE B 167 6.20 20.65 19.63
N PRO B 168 7.10 21.56 19.27
CA PRO B 168 6.68 22.95 19.01
C PRO B 168 5.97 23.13 17.65
N LYS B 169 5.30 24.26 17.50
CA LYS B 169 4.62 24.57 16.24
C LYS B 169 5.58 25.30 15.31
N LEU B 170 5.73 24.80 14.09
CA LEU B 170 6.60 25.33 13.05
C LEU B 170 6.18 26.76 12.73
N GLU B 171 7.15 27.68 12.67
CA GLU B 171 6.89 29.08 12.36
C GLU B 171 6.99 29.35 10.85
N ASP B 172 6.06 30.15 10.29
CA ASP B 172 6.10 30.55 8.89
C ASP B 172 7.16 31.67 8.73
N PRO B 173 7.99 31.66 7.68
CA PRO B 173 8.00 30.70 6.56
C PRO B 173 8.70 29.36 6.84
N ALA B 174 8.18 28.29 6.23
CA ALA B 174 8.77 26.97 6.32
C ALA B 174 9.96 26.90 5.38
N GLN B 175 11.00 26.13 5.73
CA GLN B 175 12.16 26.00 4.85
C GLN B 175 11.78 25.20 3.60
N TYR B 176 11.01 24.13 3.77
CA TYR B 176 10.54 23.25 2.69
C TYR B 176 9.02 23.07 2.75
N SER B 177 8.40 22.73 1.62
CA SER B 177 6.96 22.51 1.59
C SER B 177 6.48 21.73 0.37
N MET B 178 5.42 20.94 0.58
CA MET B 178 4.77 20.20 -0.46
C MET B 178 3.31 20.59 -0.32
N ILE B 179 2.75 21.26 -1.32
CA ILE B 179 1.37 21.75 -1.20
C ILE B 179 0.41 21.00 -2.13
N GLY B 180 -0.89 21.08 -1.81
CA GLY B 180 -1.95 20.47 -2.60
C GLY B 180 -2.13 18.98 -2.44
N LEU B 181 -1.67 18.38 -1.31
CA LEU B 181 -1.81 16.94 -1.06
C LEU B 181 -3.26 16.52 -0.79
N LYS B 182 -3.77 15.53 -1.56
CA LYS B 182 -5.15 15.05 -1.44
C LYS B 182 -5.17 13.56 -1.25
N PRO B 183 -6.03 13.02 -0.38
CA PRO B 183 -6.13 11.56 -0.27
C PRO B 183 -6.92 10.93 -1.41
N ARG B 184 -6.51 9.75 -1.86
CA ARG B 184 -7.30 9.00 -2.83
C ARG B 184 -8.04 7.84 -2.10
N ARG B 185 -8.82 6.99 -2.81
CA ARG B 185 -9.53 5.90 -2.14
C ARG B 185 -8.60 4.91 -1.47
N ALA B 186 -7.39 4.66 -2.02
CA ALA B 186 -6.41 3.77 -1.38
C ALA B 186 -5.92 4.30 -0.04
N ASP B 187 -6.04 5.61 0.20
CA ASP B 187 -5.62 6.20 1.47
C ASP B 187 -6.68 6.04 2.58
N LEU B 188 -7.88 5.55 2.25
CA LEU B 188 -8.95 5.39 3.23
C LEU B 188 -8.99 3.98 3.81
N ASP B 189 -9.42 3.86 5.06
CA ASP B 189 -9.60 2.56 5.71
C ASP B 189 -11.02 2.00 5.41
N MET B 190 -11.40 0.86 6.01
CA MET B 190 -12.71 0.24 5.82
C MET B 190 -13.88 1.13 6.29
N ASN B 191 -13.62 2.12 7.16
CA ASN B 191 -14.67 3.04 7.63
C ASN B 191 -14.68 4.38 6.88
N GLN B 192 -13.93 4.48 5.76
CA GLN B 192 -13.82 5.64 4.87
C GLN B 192 -13.09 6.84 5.50
N HIS B 193 -12.30 6.60 6.55
CA HIS B 193 -11.49 7.61 7.20
C HIS B 193 -10.07 7.51 6.65
N VAL B 194 -9.33 8.64 6.61
CA VAL B 194 -7.94 8.59 6.12
C VAL B 194 -7.08 7.75 7.07
N ASN B 195 -6.37 6.75 6.52
CA ASN B 195 -5.52 5.86 7.28
C ASN B 195 -4.38 6.67 7.94
N ASN B 196 -4.09 6.42 9.23
CA ASN B 196 -3.06 7.18 9.96
C ASN B 196 -1.67 7.15 9.32
N VAL B 197 -1.36 6.12 8.53
CA VAL B 197 -0.08 5.94 7.83
C VAL B 197 0.09 6.96 6.68
N THR B 198 -1.03 7.44 6.08
CA THR B 198 -1.03 8.46 5.03
C THR B 198 -0.43 9.78 5.55
N TYR B 199 -0.68 10.13 6.84
CA TYR B 199 -0.12 11.34 7.45
C TYR B 199 1.38 11.26 7.55
N ILE B 200 1.92 10.06 7.82
CA ILE B 200 3.37 9.84 7.87
C ILE B 200 3.96 10.12 6.48
N GLY B 201 3.30 9.62 5.44
CA GLY B 201 3.73 9.83 4.06
C GLY B 201 3.69 11.29 3.67
N TRP B 202 2.63 11.99 4.08
CA TRP B 202 2.45 13.40 3.80
C TRP B 202 3.51 14.23 4.50
N VAL B 203 3.84 13.89 5.76
CA VAL B 203 4.89 14.58 6.53
C VAL B 203 6.23 14.44 5.79
N LEU B 204 6.54 13.22 5.34
CA LEU B 204 7.78 12.95 4.63
C LEU B 204 7.89 13.58 3.22
N GLU B 205 6.76 13.99 2.59
CA GLU B 205 6.77 14.60 1.25
C GLU B 205 7.50 15.95 1.17
N SER B 206 7.54 16.70 2.29
CA SER B 206 8.24 17.98 2.31
C SER B 206 9.74 17.85 2.64
N ILE B 207 10.24 16.63 2.92
CA ILE B 207 11.67 16.39 3.13
C ILE B 207 12.28 16.37 1.73
N PRO B 208 13.33 17.17 1.48
CA PRO B 208 13.94 17.18 0.13
C PRO B 208 14.50 15.82 -0.28
N GLN B 209 14.43 15.49 -1.58
CA GLN B 209 14.88 14.20 -2.12
C GLN B 209 16.36 13.90 -1.80
N GLU B 210 17.22 14.92 -1.77
CA GLU B 210 18.64 14.75 -1.45
C GLU B 210 18.85 14.16 -0.05
N ILE B 211 18.03 14.58 0.93
CA ILE B 211 18.10 14.03 2.30
C ILE B 211 17.68 12.55 2.27
N VAL B 212 16.58 12.24 1.58
CA VAL B 212 16.11 10.87 1.45
C VAL B 212 17.17 9.96 0.79
N ASP B 213 17.88 10.45 -0.23
CA ASP B 213 18.91 9.71 -0.97
C ASP B 213 20.24 9.48 -0.21
N THR B 214 20.60 10.36 0.73
CA THR B 214 21.85 10.22 1.46
C THR B 214 21.68 9.86 2.95
N HIS B 215 20.45 9.90 3.47
CA HIS B 215 20.18 9.60 4.87
C HIS B 215 19.13 8.53 5.04
N GLU B 216 19.14 7.86 6.18
CA GLU B 216 18.12 6.89 6.52
C GLU B 216 17.31 7.43 7.72
N LEU B 217 16.00 7.22 7.72
CA LEU B 217 15.13 7.70 8.79
C LEU B 217 15.28 6.84 10.04
N GLN B 218 15.80 7.43 11.13
CA GLN B 218 15.95 6.69 12.37
C GLN B 218 14.75 6.86 13.33
N VAL B 219 14.27 8.09 13.54
CA VAL B 219 13.18 8.34 14.48
C VAL B 219 12.13 9.26 13.86
N ILE B 220 10.84 8.99 14.12
CA ILE B 220 9.71 9.83 13.72
C ILE B 220 8.73 9.90 14.88
N THR B 221 8.33 11.12 15.27
CA THR B 221 7.33 11.32 16.32
C THR B 221 6.22 12.16 15.72
N LEU B 222 4.98 11.69 15.82
CA LEU B 222 3.85 12.40 15.25
C LEU B 222 2.72 12.62 16.24
N ASP B 223 2.25 13.86 16.36
CA ASP B 223 1.10 14.26 17.17
C ASP B 223 -0.09 14.43 16.23
N TYR B 224 -1.23 13.83 16.55
CA TYR B 224 -2.43 13.90 15.73
C TYR B 224 -3.43 14.85 16.39
N ARG B 225 -3.64 16.01 15.78
CA ARG B 225 -4.51 17.05 16.34
C ARG B 225 -5.91 17.05 15.77
N ARG B 226 -6.02 16.81 14.47
CA ARG B 226 -7.28 16.81 13.76
C ARG B 226 -7.24 15.80 12.63
N GLU B 227 -8.38 15.26 12.28
CA GLU B 227 -8.51 14.28 11.21
C GLU B 227 -8.66 15.01 9.86
N CYS B 228 -8.11 14.45 8.80
CA CYS B 228 -8.23 15.02 7.45
C CYS B 228 -9.40 14.30 6.77
N GLN B 229 -10.39 15.04 6.30
CA GLN B 229 -11.52 14.44 5.61
C GLN B 229 -11.13 14.05 4.18
N GLN B 230 -11.96 13.22 3.53
CA GLN B 230 -11.74 12.75 2.17
C GLN B 230 -11.70 13.93 1.15
N ASP B 231 -12.45 15.00 1.41
CA ASP B 231 -12.47 16.14 0.50
C ASP B 231 -11.55 17.32 0.95
N ASP B 232 -10.64 17.07 1.90
CA ASP B 232 -9.72 18.08 2.36
C ASP B 232 -8.39 18.04 1.57
N VAL B 233 -7.70 19.17 1.53
CA VAL B 233 -6.41 19.34 0.87
C VAL B 233 -5.42 19.81 1.93
N VAL B 234 -4.24 19.19 1.99
CA VAL B 234 -3.22 19.38 2.99
C VAL B 234 -1.92 20.00 2.47
N ASP B 235 -1.29 20.88 3.26
CA ASP B 235 0.02 21.44 2.96
C ASP B 235 1.03 20.81 3.96
N SER B 236 2.16 20.31 3.48
CA SER B 236 3.19 19.67 4.30
C SER B 236 4.36 20.65 4.44
N LEU B 237 4.71 21.04 5.68
CA LEU B 237 5.78 22.02 5.91
C LEU B 237 6.92 21.44 6.74
N THR B 238 8.17 21.74 6.38
CA THR B 238 9.34 21.21 7.10
C THR B 238 10.40 22.27 7.28
N THR B 239 11.11 22.24 8.41
CA THR B 239 12.23 23.14 8.66
C THR B 239 13.32 22.36 9.38
N THR B 240 14.58 22.49 8.93
CA THR B 240 15.69 21.81 9.57
C THR B 240 15.96 22.49 10.91
N THR B 241 16.06 21.72 12.00
CA THR B 241 16.37 22.29 13.31
C THR B 241 17.75 21.92 13.83
N SER B 242 18.48 21.04 13.13
CA SER B 242 19.84 20.68 13.54
C SER B 242 20.88 21.69 12.98
N ASP B 260 23.98 13.76 11.99
CA ASP B 260 22.55 13.53 12.11
C ASP B 260 21.74 14.77 11.71
N SER B 261 20.58 14.57 11.08
CA SER B 261 19.72 15.68 10.68
C SER B 261 18.37 15.60 11.39
N GLN B 262 17.89 16.73 11.91
CA GLN B 262 16.61 16.80 12.60
C GLN B 262 15.72 17.78 11.88
N PHE B 263 14.43 17.47 11.81
CA PHE B 263 13.47 18.36 11.18
C PHE B 263 12.26 18.56 12.06
N LEU B 264 11.62 19.71 11.93
CA LEU B 264 10.36 20.01 12.60
C LEU B 264 9.31 20.02 11.47
N HIS B 265 8.18 19.35 11.69
CA HIS B 265 7.15 19.20 10.65
C HIS B 265 5.81 19.79 11.05
N LEU B 266 4.97 20.10 10.05
CA LEU B 266 3.62 20.56 10.30
C LEU B 266 2.71 20.27 9.09
N LEU B 267 1.57 19.58 9.33
CA LEU B 267 0.54 19.40 8.31
C LEU B 267 -0.61 20.33 8.68
N ARG B 268 -1.14 21.06 7.71
CA ARG B 268 -2.26 21.95 7.95
C ARG B 268 -3.17 22.02 6.71
N LEU B 269 -4.44 22.37 6.89
CA LEU B 269 -5.37 22.46 5.76
C LEU B 269 -4.98 23.59 4.82
N SER B 270 -4.93 23.29 3.51
CA SER B 270 -4.52 24.19 2.43
C SER B 270 -5.24 25.53 2.44
N GLY B 271 -6.49 25.52 2.86
CA GLY B 271 -7.29 26.72 2.89
C GLY B 271 -7.03 27.58 4.10
N ASP B 272 -7.78 27.33 5.17
CA ASP B 272 -7.74 28.09 6.41
C ASP B 272 -6.44 27.95 7.21
N GLY B 273 -5.61 26.96 6.89
CA GLY B 273 -4.36 26.76 7.62
C GLY B 273 -4.55 26.08 8.97
N GLN B 274 -5.66 25.35 9.15
CA GLN B 274 -5.96 24.63 10.38
C GLN B 274 -5.02 23.46 10.56
N GLU B 275 -4.36 23.35 11.72
CA GLU B 275 -3.43 22.26 12.03
C GLU B 275 -4.07 20.87 12.10
N ILE B 276 -3.48 19.89 11.41
CA ILE B 276 -3.96 18.52 11.50
C ILE B 276 -2.89 17.64 12.23
N ASN B 277 -1.59 17.91 11.99
CA ASN B 277 -0.51 17.17 12.63
C ASN B 277 0.71 18.04 12.84
N ARG B 278 1.55 17.63 13.78
CA ARG B 278 2.87 18.21 14.00
C ARG B 278 3.83 17.04 14.34
N GLY B 279 5.10 17.15 13.95
CA GLY B 279 6.05 16.09 14.22
C GLY B 279 7.51 16.43 14.10
N THR B 280 8.36 15.45 14.39
CA THR B 280 9.81 15.60 14.27
C THR B 280 10.38 14.32 13.67
N THR B 281 11.41 14.46 12.87
CA THR B 281 12.15 13.33 12.34
C THR B 281 13.64 13.49 12.60
N LEU B 282 14.34 12.36 12.79
CA LEU B 282 15.78 12.31 12.99
C LEU B 282 16.31 11.33 11.94
N TRP B 283 17.30 11.75 11.17
CA TRP B 283 17.89 10.94 10.10
C TRP B 283 19.38 10.75 10.37
N ARG B 284 19.95 9.60 9.94
CA ARG B 284 21.37 9.27 10.08
C ARG B 284 22.04 9.18 8.69
N LYS B 285 23.31 9.58 8.56
CA LYS B 285 24.02 9.47 7.28
C LYS B 285 24.23 7.99 6.93
N LYS B 286 23.89 7.59 5.69
CA LYS B 286 24.06 6.20 5.24
C LYS B 286 25.53 5.79 5.26
C10 8BT C . 11.24 -13.70 -18.07
C01 8BT C . 9.57 -17.65 -15.54
S02 8BT C . 9.54 -15.93 -15.86
O03 8BT C . 10.63 -15.30 -15.18
O04 8BT C . 8.20 -15.47 -15.59
N05 8BT C . 9.79 -15.75 -17.49
C06 8BT C . 9.89 -14.43 -18.11
C07 8BT C . 9.39 -14.27 -19.53
C08 8BT C . 9.88 -12.88 -19.88
C09 8BT C . 11.29 -12.87 -19.35
S SO4 D . 6.88 -11.17 -17.73
O1 SO4 D . 6.37 -12.14 -18.71
O2 SO4 D . 7.45 -11.87 -16.58
O3 SO4 D . 7.88 -10.31 -18.41
O4 SO4 D . 5.80 -10.30 -17.22
C10 8BT E . -9.32 -2.64 23.95
C01 8BT E . -5.61 -5.97 24.56
S02 8BT E . -6.34 -5.31 23.11
O03 8BT E . -6.67 -6.39 22.22
O04 8BT E . -5.51 -4.26 22.63
N05 8BT E . -7.76 -4.62 23.57
C06 8BT E . -7.90 -3.17 23.79
C07 8BT E . -7.15 -2.55 24.95
C08 8BT E . -7.66 -1.13 24.91
C09 8BT E . -9.15 -1.27 24.61
S SO4 F . -5.21 0.15 21.66
O1 SO4 F . -6.38 1.04 21.64
O2 SO4 F . -4.75 -0.16 20.30
O3 SO4 F . -4.09 0.74 22.39
O4 SO4 F . -5.56 -1.16 22.26
#